data_3UC5
#
_entry.id   3UC5
#
_cell.length_a   99.909
_cell.length_b   99.909
_cell.length_c   114.419
_cell.angle_alpha   90.00
_cell.angle_beta   90.00
_cell.angle_gamma   120.00
#
_symmetry.space_group_name_H-M   'H 3 2'
#
loop_
_entity.id
_entity.type
_entity.pdbx_description
1 polymer 'Phosphopantetheine adenylyltransferase'
2 non-polymer "ADENOSINE-5'-TRIPHOSPHATE"
3 water water
#
_entity_poly.entity_id   1
_entity_poly.type   'polypeptide(L)'
_entity_poly.pdbx_seq_one_letter_code
;MTGAVCPGSFDPVTLGHVDIFERAAAQFDEVVVAILVNPAKTGMFDLDERIAMVKESTTHLPNLRVQVGHGLVVDFVRSC
GMTAIVKGLRTGTDFEYELQMAQMNKHIAGVDTFFVATAPRYSFVSSSLAKEVAMLGGDVSELLPEPVNRRLRDRLN
;
_entity_poly.pdbx_strand_id   A
#
# COMPACT_ATOMS: atom_id res chain seq x y z
N MET A 1 8.06 -21.00 4.03
CA MET A 1 8.11 -20.01 2.96
C MET A 1 8.05 -18.60 3.51
N THR A 2 8.74 -17.68 2.83
CA THR A 2 8.77 -16.29 3.26
C THR A 2 7.48 -15.58 2.86
N GLY A 3 7.17 -14.50 3.56
CA GLY A 3 5.96 -13.77 3.28
C GLY A 3 6.14 -12.33 3.68
N ALA A 4 5.75 -11.42 2.79
CA ALA A 4 5.85 -10.01 3.08
C ALA A 4 4.46 -9.39 3.19
N VAL A 5 4.28 -8.57 4.21
N VAL A 5 4.27 -8.56 4.20
CA VAL A 5 3.09 -7.76 4.33
CA VAL A 5 3.06 -7.77 4.31
C VAL A 5 3.44 -6.36 3.84
C VAL A 5 3.37 -6.33 3.91
N CYS A 6 2.55 -5.79 3.02
CA CYS A 6 2.69 -4.42 2.56
C CYS A 6 1.50 -3.65 3.10
N PRO A 7 1.67 -3.03 4.27
CA PRO A 7 0.56 -2.31 4.90
C PRO A 7 0.42 -0.91 4.34
N GLY A 8 -0.79 -0.38 4.37
CA GLY A 8 -1.01 0.98 3.95
C GLY A 8 -2.49 1.30 3.95
N SER A 9 -2.83 2.55 3.68
CA SER A 9 -4.25 2.88 3.62
C SER A 9 -4.82 2.70 2.20
N PHE A 10 -3.96 2.81 1.19
CA PHE A 10 -4.35 2.63 -0.21
C PHE A 10 -5.71 3.27 -0.53
N ASP A 11 -5.77 4.59 -0.40
CA ASP A 11 -7.01 5.34 -0.57
C ASP A 11 -6.83 6.50 -1.55
N PRO A 12 -6.70 6.20 -2.85
CA PRO A 12 -6.70 4.85 -3.41
C PRO A 12 -5.31 4.34 -3.71
N VAL A 13 -5.20 3.08 -4.09
CA VAL A 13 -3.96 2.49 -4.56
C VAL A 13 -3.46 3.23 -5.81
N THR A 14 -2.15 3.46 -5.90
CA THR A 14 -1.58 4.17 -7.06
C THR A 14 -0.65 3.25 -7.83
N LEU A 15 -0.13 3.72 -8.96
CA LEU A 15 0.84 2.92 -9.71
C LEU A 15 2.16 2.77 -8.95
N GLY A 16 2.47 3.73 -8.09
CA GLY A 16 3.61 3.62 -7.19
C GLY A 16 3.46 2.43 -6.26
N HIS A 17 2.27 2.28 -5.69
CA HIS A 17 1.95 1.14 -4.84
C HIS A 17 2.06 -0.19 -5.56
N VAL A 18 1.48 -0.27 -6.76
CA VAL A 18 1.50 -1.49 -7.52
C VAL A 18 2.92 -1.88 -7.86
N ASP A 19 3.75 -0.88 -8.17
CA ASP A 19 5.18 -1.10 -8.41
C ASP A 19 5.84 -1.78 -7.22
N ILE A 20 5.55 -1.31 -6.01
CA ILE A 20 6.09 -1.94 -4.82
C ILE A 20 5.58 -3.39 -4.67
N PHE A 21 4.27 -3.59 -4.89
CA PHE A 21 3.70 -4.93 -4.81
C PHE A 21 4.44 -5.88 -5.74
N GLU A 22 4.67 -5.42 -6.97
CA GLU A 22 5.31 -6.24 -7.98
C GLU A 22 6.70 -6.62 -7.53
N ARG A 23 7.42 -5.66 -6.96
CA ARG A 23 8.78 -5.92 -6.55
C ARG A 23 8.87 -6.81 -5.32
N ALA A 24 7.91 -6.68 -4.40
CA ALA A 24 7.84 -7.60 -3.27
C ALA A 24 7.49 -9.01 -3.74
N ALA A 25 6.51 -9.09 -4.66
CA ALA A 25 6.00 -10.38 -5.11
C ALA A 25 7.10 -11.17 -5.84
N ALA A 26 8.06 -10.46 -6.39
CA ALA A 26 9.14 -11.10 -7.14
C ALA A 26 10.19 -11.66 -6.19
N GLN A 27 10.15 -11.24 -4.93
CA GLN A 27 11.19 -11.59 -3.98
C GLN A 27 10.72 -12.52 -2.86
N PHE A 28 9.43 -12.42 -2.52
CA PHE A 28 8.85 -13.22 -1.45
C PHE A 28 7.90 -14.28 -1.99
N ASP A 29 7.78 -15.42 -1.31
CA ASP A 29 6.89 -16.49 -1.73
C ASP A 29 5.45 -16.01 -1.82
N GLU A 30 5.01 -15.28 -0.81
CA GLU A 30 3.70 -14.63 -0.88
C GLU A 30 3.74 -13.21 -0.36
N VAL A 31 2.78 -12.42 -0.83
CA VAL A 31 2.63 -11.04 -0.39
C VAL A 31 1.19 -10.85 0.07
N VAL A 32 1.01 -10.14 1.17
CA VAL A 32 -0.31 -9.75 1.61
C VAL A 32 -0.36 -8.24 1.71
N VAL A 33 -1.24 -7.63 0.90
CA VAL A 33 -1.50 -6.21 1.03
C VAL A 33 -2.51 -6.02 2.17
N ALA A 34 -2.07 -5.38 3.24
CA ALA A 34 -2.93 -5.17 4.40
C ALA A 34 -3.46 -3.75 4.40
N ILE A 35 -4.78 -3.63 4.22
CA ILE A 35 -5.40 -2.32 4.21
C ILE A 35 -5.77 -1.89 5.62
N LEU A 36 -5.14 -0.81 6.08
CA LEU A 36 -5.44 -0.23 7.39
C LEU A 36 -6.20 1.08 7.21
N VAL A 37 -7.46 1.10 7.59
CA VAL A 37 -8.26 2.33 7.53
C VAL A 37 -8.12 3.13 8.82
N ASN A 38 -7.64 4.36 8.69
CA ASN A 38 -7.42 5.25 9.83
C ASN A 38 -8.73 5.65 10.51
N PRO A 39 -8.73 5.67 11.85
CA PRO A 39 -9.92 5.92 12.68
C PRO A 39 -10.79 7.09 12.19
N ALA A 40 -10.16 8.17 11.74
CA ALA A 40 -10.90 9.33 11.24
C ALA A 40 -11.63 9.00 9.94
N LYS A 41 -12.96 9.11 9.96
CA LYS A 41 -13.79 8.67 8.85
C LYS A 41 -13.52 9.40 7.53
N THR A 42 -12.67 10.43 7.57
CA THR A 42 -12.39 11.22 6.38
C THR A 42 -11.40 10.54 5.43
N GLY A 43 -11.92 9.63 4.62
CA GLY A 43 -11.17 9.00 3.55
C GLY A 43 -12.06 8.95 2.33
N MET A 44 -11.47 8.92 1.15
CA MET A 44 -12.27 8.96 -0.06
C MET A 44 -13.08 7.70 -0.27
N PHE A 45 -12.41 6.55 -0.29
CA PHE A 45 -13.06 5.29 -0.58
C PHE A 45 -13.26 4.43 0.65
N ASP A 46 -14.40 3.76 0.75
CA ASP A 46 -14.65 2.87 1.87
C ASP A 46 -13.79 1.60 1.75
N LEU A 47 -13.74 0.83 2.83
CA LEU A 47 -12.87 -0.34 2.90
C LEU A 47 -13.08 -1.27 1.70
N ASP A 48 -14.33 -1.59 1.38
CA ASP A 48 -14.61 -2.52 0.30
C ASP A 48 -14.16 -1.98 -1.07
N GLU A 49 -14.33 -0.69 -1.30
CA GLU A 49 -13.80 -0.07 -2.52
C GLU A 49 -12.28 -0.21 -2.58
N ARG A 50 -11.61 0.05 -1.46
CA ARG A 50 -10.16 -0.03 -1.42
C ARG A 50 -9.69 -1.44 -1.75
N ILE A 51 -10.30 -2.43 -1.10
CA ILE A 51 -10.00 -3.83 -1.33
C ILE A 51 -10.15 -4.21 -2.79
N ALA A 52 -11.28 -3.85 -3.39
CA ALA A 52 -11.56 -4.17 -4.77
C ALA A 52 -10.56 -3.53 -5.74
N MET A 53 -10.17 -2.29 -5.47
CA MET A 53 -9.25 -1.60 -6.36
C MET A 53 -7.88 -2.29 -6.37
N VAL A 54 -7.43 -2.73 -5.20
CA VAL A 54 -6.15 -3.42 -5.10
C VAL A 54 -6.22 -4.79 -5.78
N LYS A 55 -7.26 -5.54 -5.50
CA LYS A 55 -7.44 -6.84 -6.16
C LYS A 55 -7.44 -6.69 -7.67
N GLU A 56 -8.24 -5.77 -8.18
CA GLU A 56 -8.37 -5.57 -9.62
C GLU A 56 -7.09 -5.09 -10.27
N SER A 57 -6.22 -4.46 -9.49
CA SER A 57 -4.98 -3.88 -10.01
C SER A 57 -3.79 -4.83 -9.90
N THR A 58 -4.03 -6.01 -9.32
CA THR A 58 -2.95 -6.96 -9.05
C THR A 58 -3.26 -8.37 -9.56
N THR A 59 -4.13 -8.47 -10.55
CA THR A 59 -4.50 -9.78 -11.08
C THR A 59 -3.31 -10.50 -11.73
N HIS A 60 -2.26 -9.74 -12.04
CA HIS A 60 -1.08 -10.30 -12.67
C HIS A 60 -0.06 -10.82 -11.64
N LEU A 61 -0.42 -10.73 -10.36
CA LEU A 61 0.45 -11.21 -9.29
C LEU A 61 -0.22 -12.35 -8.53
N PRO A 62 -0.04 -13.59 -9.02
CA PRO A 62 -0.74 -14.76 -8.48
C PRO A 62 -0.41 -15.06 -7.03
N ASN A 63 0.75 -14.60 -6.55
CA ASN A 63 1.16 -14.89 -5.18
C ASN A 63 0.84 -13.75 -4.21
N LEU A 64 -0.06 -12.86 -4.62
CA LEU A 64 -0.46 -11.75 -3.76
C LEU A 64 -1.93 -11.87 -3.39
N ARG A 65 -2.26 -11.55 -2.14
CA ARG A 65 -3.65 -11.50 -1.72
C ARG A 65 -3.90 -10.23 -0.92
N VAL A 66 -5.15 -9.81 -0.85
CA VAL A 66 -5.51 -8.57 -0.18
C VAL A 66 -6.36 -8.86 1.04
N GLN A 67 -6.02 -8.22 2.14
CA GLN A 67 -6.74 -8.43 3.39
C GLN A 67 -6.88 -7.10 4.14
N VAL A 68 -7.89 -7.02 5.00
CA VAL A 68 -8.03 -5.86 5.86
C VAL A 68 -7.18 -6.07 7.10
N GLY A 69 -6.46 -5.04 7.52
CA GLY A 69 -5.65 -5.12 8.73
C GLY A 69 -6.38 -4.59 9.95
N HIS A 70 -6.08 -5.16 11.10
CA HIS A 70 -6.59 -4.66 12.37
C HIS A 70 -5.44 -4.66 13.37
N GLY A 71 -5.26 -3.55 14.08
CA GLY A 71 -4.27 -3.47 15.12
C GLY A 71 -2.87 -3.35 14.57
N LEU A 72 -1.89 -3.79 15.35
CA LEU A 72 -0.49 -3.63 14.98
C LEU A 72 -0.14 -4.46 13.74
N VAL A 73 0.60 -3.85 12.82
CA VAL A 73 1.11 -4.58 11.69
C VAL A 73 1.92 -5.81 12.16
N VAL A 74 2.72 -5.64 13.20
CA VAL A 74 3.56 -6.75 13.67
C VAL A 74 2.75 -7.96 14.15
N ASP A 75 1.55 -7.72 14.68
CA ASP A 75 0.67 -8.82 15.08
C ASP A 75 0.12 -9.51 13.85
N PHE A 76 -0.19 -8.73 12.81
CA PHE A 76 -0.66 -9.30 11.57
C PHE A 76 0.44 -10.20 11.01
N VAL A 77 1.67 -9.70 11.04
CA VAL A 77 2.79 -10.47 10.51
C VAL A 77 2.98 -11.80 11.24
N ARG A 78 3.00 -11.74 12.57
N ARG A 78 3.00 -11.74 12.57
CA ARG A 78 3.29 -12.94 13.38
CA ARG A 78 3.27 -12.92 13.39
C ARG A 78 2.13 -13.95 13.40
C ARG A 78 2.13 -13.94 13.39
N SER A 79 0.90 -13.45 13.53
CA SER A 79 -0.25 -14.33 13.63
C SER A 79 -0.64 -14.93 12.29
N CYS A 80 -0.55 -14.11 11.25
CA CYS A 80 -1.10 -14.46 9.95
C CYS A 80 -0.07 -15.06 9.00
N GLY A 81 1.08 -15.46 9.55
CA GLY A 81 2.01 -16.31 8.82
C GLY A 81 2.97 -15.65 7.85
N MET A 82 3.27 -14.38 8.07
CA MET A 82 4.27 -13.67 7.27
C MET A 82 5.62 -13.67 7.96
N THR A 83 6.64 -13.14 7.29
CA THR A 83 7.98 -13.11 7.86
C THR A 83 8.59 -11.71 7.90
N ALA A 84 7.98 -10.76 7.19
CA ALA A 84 8.59 -9.43 7.06
C ALA A 84 7.57 -8.39 6.62
N ILE A 85 7.92 -7.12 6.81
CA ILE A 85 7.12 -6.01 6.31
C ILE A 85 7.88 -5.38 5.15
N VAL A 86 7.17 -5.01 4.09
CA VAL A 86 7.79 -4.28 2.98
C VAL A 86 7.08 -2.96 2.73
N LYS A 87 7.86 -1.88 2.64
CA LYS A 87 7.32 -0.54 2.44
C LYS A 87 8.16 0.20 1.40
N GLY A 88 7.55 1.14 0.71
CA GLY A 88 8.27 1.93 -0.27
C GLY A 88 8.73 3.25 0.32
N LEU A 89 9.80 3.81 -0.24
CA LEU A 89 10.30 5.11 0.17
C LEU A 89 10.37 5.98 -1.07
N ARG A 90 9.74 7.14 -1.03
CA ARG A 90 9.94 8.13 -2.09
C ARG A 90 10.94 9.19 -1.65
N THR A 91 10.77 9.68 -0.42
CA THR A 91 11.45 10.90 0.00
C THR A 91 12.14 10.77 1.35
N GLY A 92 12.94 11.79 1.69
CA GLY A 92 13.54 11.88 3.00
C GLY A 92 12.52 11.85 4.12
N THR A 93 11.34 12.43 3.88
CA THR A 93 10.27 12.40 4.88
C THR A 93 9.76 10.98 5.09
N ASP A 94 9.57 10.23 4.01
CA ASP A 94 9.16 8.84 4.11
C ASP A 94 10.23 8.10 4.90
N PHE A 95 11.48 8.38 4.58
CA PHE A 95 12.55 7.64 5.22
C PHE A 95 12.52 7.84 6.73
N GLU A 96 12.41 9.09 7.18
CA GLU A 96 12.41 9.36 8.61
C GLU A 96 11.24 8.69 9.30
N TYR A 97 10.04 8.87 8.74
CA TYR A 97 8.85 8.23 9.29
C TYR A 97 8.97 6.72 9.35
N GLU A 98 9.38 6.11 8.24
CA GLU A 98 9.42 4.67 8.15
C GLU A 98 10.54 4.07 8.99
N LEU A 99 11.67 4.79 9.08
CA LEU A 99 12.77 4.35 9.92
C LEU A 99 12.31 4.21 11.38
N GLN A 100 11.57 5.23 11.86
CA GLN A 100 11.08 5.22 13.24
C GLN A 100 10.15 4.02 13.47
N MET A 101 9.23 3.82 12.53
CA MET A 101 8.25 2.76 12.70
C MET A 101 8.91 1.40 12.61
N ALA A 102 9.91 1.26 11.72
CA ALA A 102 10.62 0.00 11.59
C ALA A 102 11.38 -0.33 12.87
N GLN A 103 12.03 0.66 13.48
CA GLN A 103 12.79 0.42 14.69
C GLN A 103 11.84 0.09 15.83
N MET A 104 10.72 0.81 15.88
CA MET A 104 9.71 0.50 16.88
C MET A 104 9.17 -0.93 16.69
N ASN A 105 8.93 -1.31 15.44
CA ASN A 105 8.40 -2.64 15.16
C ASN A 105 9.37 -3.76 15.47
N LYS A 106 10.65 -3.53 15.20
CA LYS A 106 11.67 -4.50 15.56
C LYS A 106 11.76 -4.61 17.08
N HIS A 107 11.62 -3.49 17.77
CA HIS A 107 11.74 -3.49 19.21
C HIS A 107 10.61 -4.27 19.87
N ILE A 108 9.38 -4.03 19.44
CA ILE A 108 8.24 -4.63 20.12
C ILE A 108 7.96 -6.09 19.74
N ALA A 109 8.47 -6.54 18.59
CA ALA A 109 8.05 -7.84 18.09
C ALA A 109 9.12 -8.62 17.33
N GLY A 110 10.28 -8.00 17.09
CA GLY A 110 11.37 -8.66 16.40
C GLY A 110 11.13 -8.79 14.90
N VAL A 111 10.14 -8.08 14.40
CA VAL A 111 9.77 -8.16 12.98
C VAL A 111 10.58 -7.17 12.16
N ASP A 112 11.19 -7.67 11.08
CA ASP A 112 12.02 -6.88 10.20
C ASP A 112 11.20 -6.13 9.16
N THR A 113 11.73 -5.00 8.70
CA THR A 113 11.11 -4.24 7.62
C THR A 113 12.14 -4.05 6.53
N PHE A 114 11.73 -4.31 5.29
CA PHE A 114 12.56 -4.02 4.13
C PHE A 114 11.93 -2.90 3.34
N PHE A 115 12.75 -1.93 2.93
CA PHE A 115 12.28 -0.80 2.14
C PHE A 115 12.72 -0.93 0.70
N VAL A 116 11.87 -0.46 -0.22
CA VAL A 116 12.31 -0.36 -1.60
C VAL A 116 12.15 1.07 -2.09
N ALA A 117 13.09 1.49 -2.93
CA ALA A 117 13.06 2.85 -3.48
C ALA A 117 11.97 2.98 -4.53
N THR A 118 11.29 4.11 -4.51
CA THR A 118 10.31 4.43 -5.52
C THR A 118 10.94 4.31 -6.92
N ALA A 119 10.13 3.94 -7.91
CA ALA A 119 10.54 4.12 -9.30
C ALA A 119 10.59 5.62 -9.52
N PRO A 120 11.60 6.09 -10.26
CA PRO A 120 11.73 7.54 -10.44
C PRO A 120 10.46 8.18 -11.01
N ARG A 121 9.80 7.50 -11.94
CA ARG A 121 8.65 8.11 -12.59
C ARG A 121 7.44 8.28 -11.66
N TYR A 122 7.42 7.59 -10.53
CA TYR A 122 6.30 7.71 -9.59
C TYR A 122 6.68 8.38 -8.28
N SER A 123 7.83 9.04 -8.25
CA SER A 123 8.37 9.54 -6.99
C SER A 123 7.48 10.59 -6.35
N PHE A 124 6.78 11.35 -7.18
CA PHE A 124 5.92 12.44 -6.72
C PHE A 124 4.47 12.01 -6.52
N VAL A 125 4.20 10.73 -6.78
CA VAL A 125 2.82 10.24 -6.72
C VAL A 125 2.44 9.85 -5.30
N SER A 126 1.37 10.44 -4.79
CA SER A 126 0.81 10.00 -3.52
C SER A 126 -0.70 9.98 -3.62
N SER A 127 -1.34 9.13 -2.82
CA SER A 127 -2.79 9.05 -2.84
C SER A 127 -3.40 10.42 -2.54
N SER A 128 -2.87 11.09 -1.52
CA SER A 128 -3.41 12.37 -1.09
C SER A 128 -3.35 13.42 -2.20
N LEU A 129 -2.18 13.57 -2.81
CA LEU A 129 -2.02 14.59 -3.83
C LEU A 129 -2.84 14.25 -5.07
N ALA A 130 -2.86 12.97 -5.45
CA ALA A 130 -3.66 12.56 -6.59
C ALA A 130 -5.14 12.85 -6.36
N LYS A 131 -5.64 12.52 -5.16
CA LYS A 131 -7.04 12.83 -4.82
C LYS A 131 -7.32 14.33 -4.87
N GLU A 132 -6.40 15.13 -4.33
CA GLU A 132 -6.58 16.58 -4.28
C GLU A 132 -6.61 17.16 -5.67
N VAL A 133 -5.72 16.72 -6.54
CA VAL A 133 -5.68 17.19 -7.91
C VAL A 133 -6.94 16.76 -8.67
N ALA A 134 -7.29 15.48 -8.53
CA ALA A 134 -8.48 14.95 -9.20
C ALA A 134 -9.74 15.71 -8.82
N MET A 135 -9.88 16.05 -7.55
CA MET A 135 -11.07 16.76 -7.07
C MET A 135 -11.14 18.20 -7.58
N LEU A 136 -9.99 18.75 -7.97
CA LEU A 136 -9.94 20.08 -8.55
C LEU A 136 -9.95 20.04 -10.09
N GLY A 137 -10.18 18.85 -10.64
CA GLY A 137 -10.32 18.71 -12.08
C GLY A 137 -9.06 18.36 -12.87
N GLY A 138 -7.98 18.04 -12.17
CA GLY A 138 -6.73 17.65 -12.81
C GLY A 138 -6.73 16.20 -13.27
N ASP A 139 -5.99 15.92 -14.34
CA ASP A 139 -5.94 14.57 -14.92
C ASP A 139 -4.78 13.75 -14.34
N VAL A 140 -5.13 12.80 -13.47
CA VAL A 140 -4.13 11.99 -12.79
C VAL A 140 -4.16 10.54 -13.28
N SER A 141 -4.83 10.30 -14.40
CA SER A 141 -5.05 8.94 -14.88
C SER A 141 -3.77 8.17 -15.20
N GLU A 142 -2.70 8.88 -15.51
CA GLU A 142 -1.43 8.22 -15.80
C GLU A 142 -0.69 7.78 -14.54
N LEU A 143 -1.23 8.16 -13.38
CA LEU A 143 -0.56 7.89 -12.11
C LEU A 143 -1.26 6.77 -11.34
N LEU A 144 -2.42 6.35 -11.83
CA LEU A 144 -3.26 5.40 -11.11
C LEU A 144 -3.62 4.23 -12.02
N PRO A 145 -3.88 3.05 -11.42
CA PRO A 145 -4.28 1.89 -12.23
C PRO A 145 -5.66 2.13 -12.83
N GLU A 146 -5.94 1.51 -13.97
CA GLU A 146 -7.23 1.69 -14.64
C GLU A 146 -8.45 1.41 -13.76
N PRO A 147 -8.38 0.37 -12.92
CA PRO A 147 -9.52 0.12 -12.02
C PRO A 147 -9.78 1.29 -11.07
N VAL A 148 -8.75 2.06 -10.74
CA VAL A 148 -8.93 3.24 -9.91
C VAL A 148 -9.50 4.40 -10.73
N ASN A 149 -8.93 4.61 -11.92
CA ASN A 149 -9.43 5.62 -12.83
C ASN A 149 -10.92 5.48 -13.10
N ARG A 150 -11.33 4.25 -13.41
CA ARG A 150 -12.74 3.94 -13.66
C ARG A 150 -13.63 4.40 -12.52
N ARG A 151 -13.18 4.16 -11.28
CA ARG A 151 -13.96 4.51 -10.10
C ARG A 151 -13.87 5.99 -9.77
N LEU A 152 -12.72 6.59 -10.07
CA LEU A 152 -12.54 8.02 -9.83
C LEU A 152 -13.44 8.82 -10.78
N ARG A 153 -13.60 8.33 -12.01
CA ARG A 153 -14.45 8.99 -13.00
C ARG A 153 -15.91 9.02 -12.58
N ASP A 154 -16.34 7.99 -11.85
CA ASP A 154 -17.72 7.90 -11.39
C ASP A 154 -17.92 8.73 -10.13
N ARG A 155 -16.91 8.73 -9.27
CA ARG A 155 -16.98 9.40 -7.98
C ARG A 155 -16.97 10.91 -8.10
N LEU A 156 -16.42 11.43 -9.20
CA LEU A 156 -16.27 12.87 -9.36
C LEU A 156 -17.56 13.55 -9.83
N ASN A 157 -18.52 12.76 -10.30
CA ASN A 157 -19.80 13.31 -10.73
C ASN A 157 -21.01 12.61 -10.11
#